data_7VE2
#
_entry.id   7VE2
#
_cell.length_a   108.940
_cell.length_b   108.940
_cell.length_c   70.200
_cell.angle_alpha   90.00
_cell.angle_beta   90.00
_cell.angle_gamma   90.00
#
_symmetry.space_group_name_H-M   'I 4'
#
loop_
_entity.id
_entity.type
_entity.pdbx_description
1 polymer 'Plasmepsin II'
2 non-polymer N-{1-BENZYL-4-[2-(2,6-DIMETHYL-PHENOXY)-ACETYLAMINO]-3-HYDROXY-5-PHENYL-PENTYL}-3-METHYL-2-(2-OXO-TETRAHYDRO-PYRIMIDIN-1-YL)-BUTYRAMIDE
3 non-polymer 3-[(3-CHOLAMIDOPROPYL)DIMETHYLAMMONIO]-1-PROPANESULFONATE
#
_entity_poly.entity_id   1
_entity_poly.type   'polypeptide(L)'
_entity_poly.pdbx_seq_one_letter_code
;LGSSNDNIELVDFQNIMFYGDAEVGDNQQPFTFILDTGSANLWVPSVKCTTAGCLTKHLYDSSKSRTYEKDGTKVEMNYV
SGTVSGFFSKDLVTVGNLSLPYKFIEVIDTNGFEPTYTASTFDGILGLGWKDLSIGSVDPIVVELKNQNKIENALFTFYL
PVHDKHTGFLTIGGIEERFYEGPLTYEKLNHDLYWQITLDAHVGNIMLEKANCIVDSGTSAITVPTDFLNKMLQNLDVIK
VPFLPFYVTLCNNSKLPTFEFTSENGKYTLEPEYYLQHIEDVGPGLCMLNIIGLDFPVPTFILGDPFMRKYFTVFDYDNQ
SVGIALAKKNL
;
_entity_poly.pdbx_strand_id   A
#
# COMPACT_ATOMS: atom_id res chain seq x y z
N SER A 3 -2.49 -26.19 9.87
CA SER A 3 -2.04 -25.00 10.65
C SER A 3 -1.10 -24.15 9.78
N SER A 4 -1.48 -23.96 8.51
CA SER A 4 -0.68 -23.28 7.45
C SER A 4 -0.86 -21.75 7.51
N ASN A 5 -1.59 -21.27 8.52
CA ASN A 5 -1.97 -19.85 8.74
C ASN A 5 -2.96 -19.41 7.66
N ASP A 6 -3.57 -18.24 7.86
CA ASP A 6 -4.45 -17.56 6.89
C ASP A 6 -3.66 -16.45 6.19
N ASN A 7 -4.09 -16.09 4.98
CA ASN A 7 -3.42 -15.07 4.12
C ASN A 7 -4.38 -14.71 2.99
N ILE A 8 -3.97 -13.87 2.05
CA ILE A 8 -4.73 -13.67 0.79
C ILE A 8 -3.78 -13.56 -0.42
N GLU A 9 -4.14 -14.28 -1.49
CA GLU A 9 -3.52 -14.18 -2.83
C GLU A 9 -3.61 -12.73 -3.30
N LEU A 10 -2.47 -12.08 -3.55
CA LEU A 10 -2.41 -10.70 -4.10
C LEU A 10 -1.56 -10.68 -5.37
N VAL A 11 -2.11 -10.10 -6.45
CA VAL A 11 -1.71 -10.32 -7.87
C VAL A 11 -0.99 -9.07 -8.37
N ASP A 12 0.29 -9.21 -8.75
CA ASP A 12 1.07 -8.21 -9.53
C ASP A 12 0.16 -7.68 -10.65
N PHE A 13 0.02 -6.36 -10.80
CA PHE A 13 -0.65 -5.72 -11.95
C PHE A 13 0.40 -5.02 -12.82
N GLN A 14 1.05 -5.81 -13.70
CA GLN A 14 2.04 -5.39 -14.72
C GLN A 14 3.37 -5.01 -14.05
N ASN A 15 3.46 -5.08 -12.72
CA ASN A 15 4.64 -4.72 -11.88
C ASN A 15 4.36 -3.43 -11.11
N ILE A 16 3.47 -2.56 -11.63
CA ILE A 16 3.16 -1.24 -11.00
C ILE A 16 2.70 -1.49 -9.57
N MET A 17 1.52 -2.12 -9.38
CA MET A 17 0.94 -2.40 -8.05
C MET A 17 0.16 -3.72 -8.05
N PHE A 18 -0.41 -4.07 -6.89
CA PHE A 18 -1.08 -5.35 -6.59
C PHE A 18 -2.43 -5.12 -5.90
N TYR A 19 -3.27 -6.14 -6.00
CA TYR A 19 -4.63 -6.21 -5.41
C TYR A 19 -4.83 -7.59 -4.75
N GLY A 20 -5.30 -7.60 -3.50
CA GLY A 20 -6.00 -8.76 -2.94
C GLY A 20 -7.50 -8.57 -3.11
N ASP A 21 -8.20 -9.52 -3.72
CA ASP A 21 -9.69 -9.50 -3.76
C ASP A 21 -10.16 -9.89 -2.35
N ALA A 22 -11.26 -9.29 -1.90
CA ALA A 22 -11.97 -9.61 -0.62
C ALA A 22 -13.47 -9.41 -0.84
N GLU A 23 -14.29 -9.71 0.16
CA GLU A 23 -15.76 -9.77 0.01
C GLU A 23 -16.43 -9.26 1.30
N VAL A 24 -17.27 -8.23 1.16
CA VAL A 24 -18.23 -7.76 2.20
C VAL A 24 -19.50 -8.60 2.02
N GLY A 25 -20.37 -8.64 3.05
CA GLY A 25 -21.68 -9.32 2.99
C GLY A 25 -21.57 -10.82 3.22
N ASP A 26 -22.58 -11.41 3.88
CA ASP A 26 -22.61 -12.87 4.19
C ASP A 26 -22.52 -13.68 2.89
N ASN A 27 -23.12 -13.17 1.81
CA ASN A 27 -23.09 -13.76 0.45
C ASN A 27 -21.66 -13.69 -0.11
N GLN A 28 -20.72 -13.12 0.65
CA GLN A 28 -19.32 -12.92 0.22
C GLN A 28 -19.37 -12.27 -1.16
N GLN A 29 -19.93 -11.05 -1.24
CA GLN A 29 -20.11 -10.33 -2.52
C GLN A 29 -18.72 -10.00 -3.03
N PRO A 30 -18.42 -10.21 -4.34
CA PRO A 30 -17.06 -10.00 -4.86
C PRO A 30 -16.66 -8.52 -4.77
N PHE A 31 -15.36 -8.27 -4.56
CA PHE A 31 -14.69 -6.94 -4.67
C PHE A 31 -13.17 -7.16 -4.77
N THR A 32 -12.52 -6.59 -5.78
CA THR A 32 -11.05 -6.56 -5.91
C THR A 32 -10.60 -5.23 -5.30
N PHE A 33 -9.55 -5.21 -4.47
CA PHE A 33 -9.15 -4.03 -3.65
C PHE A 33 -7.69 -3.59 -3.86
N ILE A 34 -7.39 -2.35 -3.49
CA ILE A 34 -6.03 -1.92 -3.01
C ILE A 34 -5.98 -2.16 -1.50
N LEU A 35 -4.83 -2.60 -0.99
CA LEU A 35 -4.59 -2.92 0.44
C LEU A 35 -3.57 -1.90 0.98
N ASP A 36 -4.04 -0.81 1.61
CA ASP A 36 -3.20 0.39 1.91
C ASP A 36 -2.90 0.54 3.40
N THR A 37 -1.65 0.34 3.80
CA THR A 37 -1.14 0.71 5.13
C THR A 37 -0.91 2.21 5.09
N GLY A 38 -1.69 3.00 5.83
CA GLY A 38 -1.62 4.47 5.70
C GLY A 38 -3.00 5.09 5.61
N SER A 39 -3.94 4.46 4.92
CA SER A 39 -5.38 4.76 5.09
C SER A 39 -5.91 3.82 6.18
N ALA A 40 -6.73 4.32 7.10
CA ALA A 40 -7.25 3.55 8.25
C ALA A 40 -8.68 3.08 8.02
N ASN A 41 -9.23 3.28 6.82
CA ASN A 41 -10.66 2.99 6.54
C ASN A 41 -10.80 2.15 5.26
N LEU A 42 -11.80 1.27 5.22
CA LEU A 42 -12.14 0.44 4.03
C LEU A 42 -13.40 1.01 3.40
N TRP A 43 -13.47 1.09 2.06
CA TRP A 43 -14.70 1.47 1.33
C TRP A 43 -14.99 0.46 0.22
N VAL A 44 -16.20 0.54 -0.35
CA VAL A 44 -16.62 -0.18 -1.58
C VAL A 44 -17.77 0.60 -2.23
N PRO A 45 -17.90 0.54 -3.57
CA PRO A 45 -18.91 1.31 -4.29
C PRO A 45 -20.31 0.67 -4.30
N SER A 46 -21.28 1.29 -3.63
CA SER A 46 -22.71 0.84 -3.54
C SER A 46 -23.31 0.64 -4.93
N VAL A 47 -24.45 -0.06 -5.01
CA VAL A 47 -25.29 -0.13 -6.25
C VAL A 47 -26.14 1.14 -6.33
N LYS A 48 -26.23 1.91 -5.24
CA LYS A 48 -26.82 3.28 -5.21
C LYS A 48 -25.80 4.28 -5.79
N CYS A 49 -24.71 3.80 -6.41
CA CYS A 49 -23.66 4.68 -7.01
C CYS A 49 -24.18 5.31 -8.30
N THR A 50 -23.94 6.61 -8.46
CA THR A 50 -24.52 7.48 -9.51
C THR A 50 -23.46 7.88 -10.54
N THR A 51 -22.19 7.48 -10.34
CA THR A 51 -21.04 7.94 -11.16
C THR A 51 -20.62 6.87 -12.18
N ALA A 52 -20.20 7.32 -13.36
CA ALA A 52 -19.69 6.50 -14.49
C ALA A 52 -18.59 5.58 -13.97
N GLY A 53 -17.69 6.13 -13.15
CA GLY A 53 -16.64 5.36 -12.47
C GLY A 53 -17.13 3.96 -12.13
N CYS A 54 -18.28 3.85 -11.46
CA CYS A 54 -18.79 2.61 -10.80
C CYS A 54 -19.14 1.53 -11.85
N LEU A 55 -19.62 1.91 -13.02
CA LEU A 55 -20.19 0.99 -14.05
C LEU A 55 -19.16 -0.08 -14.46
N THR A 56 -17.94 -0.04 -13.90
CA THR A 56 -16.76 -0.82 -14.37
C THR A 56 -16.64 -2.17 -13.63
N LYS A 57 -16.71 -2.17 -12.29
CA LYS A 57 -16.47 -3.36 -11.45
C LYS A 57 -17.68 -3.59 -10.54
N HIS A 58 -17.55 -4.45 -9.52
CA HIS A 58 -18.69 -4.99 -8.71
C HIS A 58 -19.19 -3.94 -7.72
N LEU A 59 -20.51 -3.89 -7.47
CA LEU A 59 -21.19 -2.92 -6.57
C LEU A 59 -21.86 -3.65 -5.39
N TYR A 60 -21.88 -3.02 -4.21
CA TYR A 60 -22.52 -3.53 -2.96
C TYR A 60 -24.01 -3.20 -2.96
N ASP A 61 -24.85 -4.25 -2.94
CA ASP A 61 -26.31 -4.20 -2.62
C ASP A 61 -26.52 -4.70 -1.18
N SER A 62 -26.80 -3.78 -0.26
CA SER A 62 -27.04 -4.08 1.18
C SER A 62 -28.38 -4.84 1.34
N SER A 63 -29.27 -4.76 0.36
CA SER A 63 -30.48 -5.62 0.27
C SER A 63 -30.07 -7.09 0.49
N LYS A 64 -29.02 -7.54 -0.22
CA LYS A 64 -28.63 -8.97 -0.35
C LYS A 64 -27.84 -9.45 0.87
N SER A 65 -27.53 -8.56 1.82
CA SER A 65 -26.84 -8.91 3.08
C SER A 65 -27.87 -9.16 4.19
N ARG A 66 -27.75 -10.30 4.87
CA ARG A 66 -28.50 -10.66 6.10
C ARG A 66 -27.99 -9.82 7.27
N THR A 67 -26.68 -9.61 7.36
CA THR A 67 -25.98 -8.99 8.52
C THR A 67 -25.87 -7.48 8.35
N TYR A 68 -26.55 -6.87 7.37
CA TYR A 68 -26.42 -5.43 7.05
C TYR A 68 -27.03 -4.58 8.16
N GLU A 69 -26.32 -3.54 8.58
CA GLU A 69 -26.80 -2.48 9.51
C GLU A 69 -26.45 -1.14 8.86
N LYS A 70 -27.17 -0.06 9.12
CA LYS A 70 -26.92 1.23 8.42
C LYS A 70 -26.61 2.34 9.42
N ASP A 71 -25.38 2.85 9.41
CA ASP A 71 -25.04 4.09 10.16
C ASP A 71 -25.74 5.25 9.46
N GLY A 72 -25.67 5.29 8.12
CA GLY A 72 -26.40 6.26 7.30
C GLY A 72 -25.75 7.64 7.24
N THR A 73 -24.63 7.86 7.95
CA THR A 73 -23.98 9.19 8.06
C THR A 73 -23.15 9.43 6.80
N LYS A 74 -23.32 10.60 6.18
CA LYS A 74 -22.61 10.99 4.93
C LYS A 74 -21.11 11.14 5.23
N VAL A 75 -20.28 10.78 4.25
CA VAL A 75 -18.80 10.73 4.36
C VAL A 75 -18.21 11.43 3.15
N GLU A 76 -16.90 11.72 3.19
CA GLU A 76 -16.06 12.05 2.02
C GLU A 76 -14.63 11.60 2.35
N MET A 77 -14.18 10.52 1.72
CA MET A 77 -12.81 10.00 1.85
C MET A 77 -11.90 10.81 0.91
N ASN A 78 -10.85 11.42 1.47
CA ASN A 78 -9.83 12.18 0.70
C ASN A 78 -8.50 11.41 0.71
N TYR A 79 -7.92 11.22 -0.48
CA TYR A 79 -6.50 10.86 -0.70
C TYR A 79 -5.82 12.08 -1.35
N VAL A 80 -4.50 12.08 -1.48
CA VAL A 80 -3.75 13.08 -2.29
C VAL A 80 -4.10 12.86 -3.75
N SER A 81 -4.25 11.59 -4.15
CA SER A 81 -4.58 11.16 -5.54
C SER A 81 -6.03 11.55 -5.89
N GLY A 82 -6.79 12.06 -4.93
CA GLY A 82 -8.20 12.44 -5.13
C GLY A 82 -9.11 11.86 -4.05
N THR A 83 -10.42 11.85 -4.31
CA THR A 83 -11.47 11.77 -3.26
C THR A 83 -12.71 11.01 -3.71
N VAL A 84 -13.13 10.01 -2.92
CA VAL A 84 -14.48 9.39 -3.03
C VAL A 84 -15.31 9.74 -1.79
N SER A 85 -16.60 10.01 -2.03
CA SER A 85 -17.60 10.41 -1.01
C SER A 85 -18.81 9.49 -1.15
N GLY A 86 -19.47 9.22 -0.02
CA GLY A 86 -20.71 8.40 0.05
C GLY A 86 -21.35 8.52 1.41
N PHE A 87 -21.56 7.38 2.08
CA PHE A 87 -22.20 7.28 3.42
C PHE A 87 -21.72 6.01 4.12
N PHE A 88 -21.91 5.99 5.45
CA PHE A 88 -21.43 4.91 6.34
C PHE A 88 -22.48 3.79 6.44
N SER A 89 -21.98 2.55 6.52
CA SER A 89 -22.79 1.33 6.70
C SER A 89 -21.97 0.28 7.47
N LYS A 90 -22.63 -0.78 7.94
CA LYS A 90 -22.04 -1.91 8.70
C LYS A 90 -22.36 -3.20 7.96
N ASP A 91 -21.64 -4.28 8.30
CA ASP A 91 -21.77 -5.60 7.65
C ASP A 91 -20.51 -6.40 7.96
N LEU A 92 -20.58 -7.72 7.81
CA LEU A 92 -19.41 -8.61 8.02
C LEU A 92 -18.60 -8.63 6.72
N VAL A 93 -17.30 -8.90 6.87
CA VAL A 93 -16.29 -8.87 5.79
C VAL A 93 -15.33 -10.04 6.03
N THR A 94 -15.35 -11.04 5.14
CA THR A 94 -14.46 -12.23 5.23
C THR A 94 -13.16 -11.93 4.48
N VAL A 95 -12.09 -12.60 4.92
CA VAL A 95 -10.65 -12.32 4.59
C VAL A 95 -9.85 -13.62 4.75
N GLY A 96 -9.54 -14.30 3.64
CA GLY A 96 -8.68 -15.50 3.64
C GLY A 96 -9.42 -16.73 4.15
N ASN A 97 -9.49 -16.89 5.48
CA ASN A 97 -10.37 -17.87 6.19
C ASN A 97 -11.14 -17.17 7.32
N LEU A 98 -10.98 -15.84 7.48
CA LEU A 98 -11.41 -15.06 8.68
C LEU A 98 -12.34 -13.92 8.26
N SER A 99 -13.29 -13.56 9.14
CA SER A 99 -14.46 -12.71 8.81
C SER A 99 -15.10 -12.15 10.09
N LEU A 100 -15.50 -10.88 10.09
CA LEU A 100 -16.11 -10.21 11.27
C LEU A 100 -16.98 -9.04 10.82
N PRO A 101 -17.66 -8.33 11.76
CA PRO A 101 -18.56 -7.23 11.42
C PRO A 101 -17.88 -5.85 11.56
N TYR A 102 -17.87 -5.05 10.49
CA TYR A 102 -17.02 -3.84 10.40
C TYR A 102 -17.85 -2.63 9.97
N LYS A 103 -17.48 -1.44 10.45
CA LYS A 103 -18.02 -0.12 10.02
C LYS A 103 -17.21 0.38 8.82
N PHE A 104 -17.84 0.43 7.65
CA PHE A 104 -17.19 0.72 6.34
C PHE A 104 -18.02 1.76 5.56
N ILE A 105 -17.38 2.39 4.58
CA ILE A 105 -17.95 3.52 3.78
C ILE A 105 -18.42 3.01 2.42
N GLU A 106 -19.66 2.52 2.37
CA GLU A 106 -20.46 2.45 1.13
C GLU A 106 -20.16 3.71 0.31
N VAL A 107 -19.68 3.55 -0.92
CA VAL A 107 -19.31 4.70 -1.81
C VAL A 107 -20.33 4.76 -2.95
N ILE A 108 -20.68 5.99 -3.34
CA ILE A 108 -21.73 6.32 -4.37
C ILE A 108 -21.22 7.43 -5.29
N ASP A 109 -19.94 7.82 -5.17
CA ASP A 109 -19.34 8.98 -5.88
C ASP A 109 -17.84 8.78 -6.13
N THR A 110 -17.46 8.45 -7.36
CA THR A 110 -16.05 8.34 -7.82
C THR A 110 -15.60 9.67 -8.45
N ASN A 111 -16.50 10.40 -9.12
CA ASN A 111 -16.27 11.70 -9.82
C ASN A 111 -14.85 12.23 -9.57
N GLY A 112 -14.46 12.41 -8.29
CA GLY A 112 -13.17 13.01 -7.90
C GLY A 112 -12.09 12.00 -7.54
N PHE A 113 -12.08 10.84 -8.19
CA PHE A 113 -11.04 9.79 -8.08
C PHE A 113 -10.64 9.36 -9.49
N GLU A 114 -11.17 10.06 -10.49
CA GLU A 114 -10.80 9.90 -11.91
C GLU A 114 -9.59 10.81 -12.18
N PRO A 115 -8.81 10.52 -13.24
CA PRO A 115 -9.17 9.51 -14.24
C PRO A 115 -8.62 8.11 -13.93
N THR A 116 -8.14 7.90 -12.70
CA THR A 116 -7.33 6.75 -12.25
C THR A 116 -8.19 5.54 -11.91
N TYR A 117 -9.38 5.75 -11.32
CA TYR A 117 -10.27 4.67 -10.79
C TYR A 117 -10.90 3.89 -11.94
N THR A 118 -11.60 4.60 -12.84
CA THR A 118 -12.24 4.08 -14.08
C THR A 118 -11.17 3.47 -14.99
N ALA A 119 -9.90 3.84 -14.77
CA ALA A 119 -8.70 3.32 -15.46
C ALA A 119 -8.21 2.01 -14.82
N SER A 120 -8.45 1.82 -13.51
CA SER A 120 -7.92 0.70 -12.68
C SER A 120 -8.74 -0.58 -12.90
N THR A 121 -8.45 -1.59 -12.07
CA THR A 121 -9.22 -2.86 -11.94
C THR A 121 -9.78 -2.98 -10.52
N PHE A 122 -9.02 -2.53 -9.52
CA PHE A 122 -9.43 -2.55 -8.09
C PHE A 122 -10.75 -1.80 -7.97
N ASP A 123 -11.51 -2.10 -6.91
CA ASP A 123 -12.94 -1.78 -6.74
C ASP A 123 -13.09 -0.84 -5.54
N GLY A 124 -12.43 -1.18 -4.44
CA GLY A 124 -12.34 -0.35 -3.23
C GLY A 124 -10.93 -0.36 -2.68
N ILE A 125 -10.69 0.40 -1.61
CA ILE A 125 -9.37 0.47 -0.93
C ILE A 125 -9.58 0.05 0.53
N LEU A 126 -9.17 -1.18 0.86
CA LEU A 126 -9.02 -1.67 2.24
C LEU A 126 -7.84 -0.92 2.89
N GLY A 127 -8.15 0.08 3.70
CA GLY A 127 -7.20 0.69 4.64
C GLY A 127 -6.70 -0.32 5.65
N LEU A 128 -5.46 -0.17 6.10
CA LEU A 128 -4.75 -1.09 7.01
C LEU A 128 -3.97 -0.27 8.04
N GLY A 129 -4.40 0.98 8.24
CA GLY A 129 -3.67 2.03 8.98
C GLY A 129 -3.90 1.92 10.48
N TRP A 130 -4.11 3.06 11.14
CA TRP A 130 -4.12 3.20 12.61
C TRP A 130 -5.41 3.84 13.11
N LYS A 131 -5.78 3.48 14.34
CA LYS A 131 -7.09 3.77 14.99
C LYS A 131 -7.36 5.28 15.00
N ASP A 132 -6.45 6.07 15.57
CA ASP A 132 -6.62 7.52 15.81
C ASP A 132 -6.78 8.25 14.46
N LEU A 133 -6.51 7.56 13.35
CA LEU A 133 -6.48 8.11 11.97
C LEU A 133 -7.71 7.67 11.18
N SER A 134 -8.67 6.97 11.81
CA SER A 134 -9.92 6.52 11.16
C SER A 134 -10.93 7.67 11.16
N ILE A 135 -11.51 7.99 9.99
CA ILE A 135 -12.69 8.92 9.92
C ILE A 135 -13.90 8.14 10.42
N GLY A 136 -14.59 8.67 11.44
CA GLY A 136 -15.68 7.96 12.14
C GLY A 136 -15.16 6.91 13.11
N SER A 137 -14.02 7.19 13.77
CA SER A 137 -13.57 6.53 15.03
C SER A 137 -13.36 5.02 14.85
N VAL A 138 -13.22 4.52 13.60
CA VAL A 138 -13.24 3.06 13.28
C VAL A 138 -12.02 2.37 13.90
N ASP A 139 -12.22 1.17 14.46
CA ASP A 139 -11.16 0.26 14.97
C ASP A 139 -10.54 -0.50 13.81
N PRO A 140 -9.20 -0.54 13.66
CA PRO A 140 -8.59 -1.28 12.57
C PRO A 140 -8.96 -2.77 12.66
N ILE A 141 -9.09 -3.44 11.51
CA ILE A 141 -9.40 -4.90 11.36
C ILE A 141 -8.47 -5.72 12.27
N VAL A 142 -7.19 -5.72 11.95
CA VAL A 142 -6.18 -6.63 12.56
C VAL A 142 -6.32 -6.56 14.09
N VAL A 143 -6.57 -5.36 14.62
CA VAL A 143 -6.70 -5.13 16.10
C VAL A 143 -8.02 -5.74 16.60
N GLU A 144 -9.07 -5.75 15.78
CA GLU A 144 -10.38 -6.38 16.16
C GLU A 144 -10.17 -7.90 16.28
N LEU A 145 -9.48 -8.54 15.33
CA LEU A 145 -9.20 -10.00 15.29
C LEU A 145 -8.47 -10.45 16.56
N LYS A 146 -7.80 -9.51 17.25
CA LYS A 146 -7.07 -9.74 18.53
C LYS A 146 -8.05 -9.63 19.71
N ASN A 147 -8.66 -8.46 19.88
CA ASN A 147 -9.65 -8.17 20.96
C ASN A 147 -10.81 -9.17 20.88
N GLN A 148 -10.98 -9.81 19.71
CA GLN A 148 -11.96 -10.90 19.43
C GLN A 148 -11.26 -12.27 19.46
N ASN A 149 -9.98 -12.31 19.84
CA ASN A 149 -9.17 -13.55 20.04
C ASN A 149 -9.11 -14.39 18.75
N LYS A 150 -9.45 -13.80 17.60
CA LYS A 150 -9.59 -14.52 16.31
C LYS A 150 -8.21 -14.68 15.67
N ILE A 151 -7.20 -13.99 16.20
CA ILE A 151 -5.81 -13.93 15.66
C ILE A 151 -4.82 -14.20 16.80
N GLU A 152 -3.63 -14.74 16.47
CA GLU A 152 -2.63 -15.21 17.47
C GLU A 152 -1.70 -14.05 17.86
N ASN A 153 -1.55 -13.04 16.99
CA ASN A 153 -0.99 -11.70 17.33
C ASN A 153 -1.61 -10.65 16.42
N ALA A 154 -1.78 -9.42 16.92
CA ALA A 154 -2.49 -8.31 16.26
C ALA A 154 -1.59 -7.64 15.23
N LEU A 155 -0.96 -8.43 14.36
CA LEU A 155 -0.01 -7.94 13.31
C LEU A 155 -0.57 -8.31 11.93
N PHE A 156 0.07 -7.81 10.86
CA PHE A 156 -0.20 -8.22 9.46
C PHE A 156 1.14 -8.25 8.73
N THR A 157 1.33 -9.21 7.83
CA THR A 157 2.65 -9.43 7.19
C THR A 157 2.48 -9.34 5.68
N PHE A 158 3.32 -8.56 5.01
CA PHE A 158 3.22 -8.30 3.55
C PHE A 158 4.37 -8.97 2.81
N TYR A 159 4.06 -10.01 2.04
CA TYR A 159 4.97 -10.62 1.04
C TYR A 159 4.44 -10.20 -0.32
N LEU A 160 5.21 -9.46 -1.10
CA LEU A 160 4.68 -8.89 -2.37
C LEU A 160 5.10 -9.81 -3.52
N PRO A 161 4.34 -9.80 -4.64
CA PRO A 161 4.60 -10.70 -5.77
C PRO A 161 5.71 -10.20 -6.72
N VAL A 162 5.81 -10.80 -7.91
CA VAL A 162 6.79 -10.41 -8.97
C VAL A 162 6.26 -10.88 -10.33
N HIS A 163 6.48 -10.07 -11.38
CA HIS A 163 6.12 -10.37 -12.80
C HIS A 163 6.51 -11.81 -13.13
N ASP A 164 5.52 -12.69 -13.27
CA ASP A 164 5.67 -14.03 -13.90
C ASP A 164 6.64 -14.90 -13.08
N LYS A 165 6.94 -14.50 -11.84
CA LYS A 165 8.05 -15.05 -11.01
C LYS A 165 7.48 -15.82 -9.82
N HIS A 166 6.62 -15.15 -9.04
CA HIS A 166 5.87 -15.73 -7.90
C HIS A 166 4.70 -14.81 -7.55
N THR A 167 3.73 -15.33 -6.80
CA THR A 167 2.55 -14.58 -6.27
C THR A 167 2.94 -13.93 -4.94
N GLY A 168 2.01 -13.16 -4.35
CA GLY A 168 2.20 -12.45 -3.07
C GLY A 168 1.12 -12.80 -2.08
N PHE A 169 1.40 -12.56 -0.79
CA PHE A 169 0.57 -13.00 0.35
C PHE A 169 0.62 -11.98 1.50
N LEU A 170 -0.53 -11.34 1.77
CA LEU A 170 -0.82 -10.66 3.05
C LEU A 170 -1.39 -11.70 4.02
N THR A 171 -0.59 -12.10 5.02
CA THR A 171 -1.01 -12.98 6.12
C THR A 171 -1.28 -12.07 7.33
N ILE A 172 -2.20 -12.50 8.19
CA ILE A 172 -2.81 -11.68 9.28
C ILE A 172 -2.79 -12.53 10.56
N GLY A 173 -1.69 -12.49 11.31
CA GLY A 173 -1.52 -13.27 12.55
C GLY A 173 -0.43 -14.32 12.41
N GLY A 174 0.68 -14.15 13.15
CA GLY A 174 1.92 -14.92 12.97
C GLY A 174 2.70 -14.45 11.75
N ILE A 175 3.91 -15.01 11.55
CA ILE A 175 4.84 -14.72 10.44
C ILE A 175 5.20 -16.04 9.75
N GLU A 176 4.99 -16.12 8.43
CA GLU A 176 5.32 -17.32 7.61
C GLU A 176 6.82 -17.27 7.30
N GLU A 177 7.59 -18.24 7.80
CA GLU A 177 9.07 -18.23 7.71
C GLU A 177 9.50 -18.25 6.23
N ARG A 178 8.82 -19.04 5.40
CA ARG A 178 9.14 -19.27 3.96
C ARG A 178 9.20 -17.93 3.19
N PHE A 179 9.05 -16.81 3.90
CA PHE A 179 8.87 -15.46 3.33
C PHE A 179 10.20 -14.73 3.18
N TYR A 180 11.16 -14.96 4.09
CA TYR A 180 12.39 -14.13 4.20
C TYR A 180 13.60 -14.95 4.65
N GLU A 181 14.78 -14.39 4.34
CA GLU A 181 16.14 -14.93 4.61
C GLU A 181 17.01 -13.73 4.99
N GLY A 182 17.81 -13.87 6.05
CA GLY A 182 18.44 -12.73 6.75
C GLY A 182 17.53 -12.19 7.85
N PRO A 183 18.09 -11.58 8.92
CA PRO A 183 17.33 -11.39 10.16
C PRO A 183 16.37 -10.19 10.10
N LEU A 184 15.07 -10.43 10.36
CA LEU A 184 14.05 -9.37 10.62
C LEU A 184 14.66 -8.31 11.53
N THR A 185 14.60 -7.04 11.12
CA THR A 185 14.95 -5.86 11.96
C THR A 185 13.68 -5.04 12.18
N TYR A 186 13.30 -4.86 13.45
CA TYR A 186 12.13 -4.07 13.91
C TYR A 186 12.54 -2.60 13.96
N GLU A 187 11.68 -1.72 13.45
CA GLU A 187 11.86 -0.25 13.55
C GLU A 187 10.66 0.32 14.30
N LYS A 188 10.93 0.93 15.46
CA LYS A 188 9.96 1.66 16.32
C LYS A 188 9.17 2.63 15.44
N LEU A 189 7.89 2.82 15.71
CA LEU A 189 7.11 3.95 15.15
C LEU A 189 7.53 5.22 15.90
N ASN A 190 7.98 6.24 15.16
CA ASN A 190 8.22 7.61 15.69
C ASN A 190 6.88 8.34 15.76
N HIS A 191 5.77 7.59 15.80
CA HIS A 191 4.40 8.09 15.57
C HIS A 191 3.38 7.22 16.33
N ASP A 192 2.08 7.52 16.19
CA ASP A 192 0.96 6.75 16.79
C ASP A 192 -0.30 6.82 15.90
N LEU A 193 -0.14 7.11 14.62
CA LEU A 193 -1.26 7.18 13.64
C LEU A 193 -0.79 6.68 12.27
N TYR A 194 0.47 6.28 12.15
CA TYR A 194 1.08 6.01 10.83
C TYR A 194 2.25 5.05 10.95
N TRP A 195 2.28 4.10 10.03
CA TRP A 195 3.39 3.12 9.89
C TRP A 195 4.62 3.87 9.35
N GLN A 196 5.12 4.84 10.11
CA GLN A 196 6.29 5.68 9.73
C GLN A 196 7.31 5.58 10.85
N ILE A 197 8.59 5.48 10.49
CA ILE A 197 9.75 5.30 11.43
C ILE A 197 10.73 6.43 11.17
N THR A 198 11.91 6.43 11.82
CA THR A 198 13.01 7.40 11.59
C THR A 198 14.23 6.68 11.01
N LEU A 199 14.44 6.82 9.70
CA LEU A 199 15.60 6.27 8.95
C LEU A 199 16.49 7.43 8.48
N ASP A 200 17.75 7.10 8.18
CA ASP A 200 18.78 8.05 7.68
C ASP A 200 19.05 7.70 6.20
N ALA A 201 18.30 8.33 5.31
CA ALA A 201 18.37 8.12 3.85
C ALA A 201 19.57 8.87 3.29
N HIS A 202 20.42 8.14 2.56
CA HIS A 202 21.54 8.66 1.73
C HIS A 202 21.36 8.17 0.29
N VAL A 203 21.88 8.92 -0.68
CA VAL A 203 22.19 8.43 -2.06
C VAL A 203 23.39 9.24 -2.56
N GLY A 204 24.55 8.57 -2.70
CA GLY A 204 25.85 9.20 -3.02
C GLY A 204 26.22 10.30 -2.02
N ASN A 205 26.98 11.30 -2.49
CA ASN A 205 27.40 12.51 -1.73
C ASN A 205 26.22 12.98 -0.88
N ILE A 206 25.01 12.82 -1.41
CA ILE A 206 23.72 13.35 -0.86
C ILE A 206 23.21 12.44 0.26
N MET A 207 22.64 13.07 1.31
CA MET A 207 22.16 12.39 2.54
C MET A 207 20.94 13.17 3.09
N LEU A 208 20.40 12.77 4.24
CA LEU A 208 19.28 13.52 4.89
C LEU A 208 19.23 13.24 6.40
N GLU A 209 19.37 11.97 6.79
CA GLU A 209 19.52 11.51 8.20
C GLU A 209 18.30 11.91 9.02
N LYS A 210 17.89 11.00 9.91
CA LYS A 210 16.77 11.19 10.86
C LYS A 210 15.67 11.88 10.06
N ALA A 211 15.02 11.11 9.19
CA ALA A 211 13.97 11.57 8.27
C ALA A 211 12.86 10.52 8.24
N ASN A 212 11.65 10.93 8.61
CA ASN A 212 10.45 10.04 8.61
C ASN A 212 10.43 9.23 7.32
N CYS A 213 10.38 7.90 7.40
CA CYS A 213 10.03 7.04 6.25
C CYS A 213 8.72 6.31 6.55
N ILE A 214 7.67 6.74 5.87
CA ILE A 214 6.35 6.04 5.76
C ILE A 214 6.58 4.73 4.99
N VAL A 215 5.96 3.65 5.44
CA VAL A 215 6.02 2.31 4.78
C VAL A 215 4.60 1.95 4.33
N ASP A 216 4.21 2.41 3.13
CA ASP A 216 2.81 2.48 2.62
C ASP A 216 2.62 1.42 1.53
N SER A 217 1.64 0.53 1.70
CA SER A 217 1.37 -0.59 0.76
C SER A 217 0.61 -0.06 -0.46
N GLY A 218 -0.12 1.04 -0.28
CA GLY A 218 -1.05 1.63 -1.28
C GLY A 218 -0.43 2.78 -2.05
N THR A 219 0.90 2.76 -2.17
CA THR A 219 1.75 3.67 -2.99
C THR A 219 2.71 2.81 -3.83
N SER A 220 2.69 2.98 -5.15
CA SER A 220 3.37 2.09 -6.13
C SER A 220 4.73 2.66 -6.55
N ALA A 221 5.20 3.67 -5.81
CA ALA A 221 6.49 4.36 -6.03
C ALA A 221 7.21 4.55 -4.70
N ILE A 222 8.49 4.92 -4.78
CA ILE A 222 9.20 5.69 -3.72
C ILE A 222 8.80 7.14 -3.91
N THR A 223 8.56 7.89 -2.83
CA THR A 223 8.57 9.37 -2.91
C THR A 223 9.76 9.88 -2.11
N VAL A 224 10.30 11.01 -2.59
CA VAL A 224 11.56 11.64 -2.12
C VAL A 224 11.34 13.13 -2.02
N PRO A 225 11.88 13.79 -0.98
CA PRO A 225 11.90 15.25 -0.92
C PRO A 225 12.41 15.83 -2.25
N THR A 226 11.61 16.71 -2.89
CA THR A 226 11.86 17.29 -4.24
C THR A 226 13.32 17.76 -4.39
N ASP A 227 13.87 18.46 -3.38
CA ASP A 227 15.21 19.11 -3.46
C ASP A 227 16.28 18.02 -3.45
N PHE A 228 16.18 17.06 -2.52
CA PHE A 228 16.94 15.79 -2.48
C PHE A 228 16.89 15.07 -3.84
N LEU A 229 15.72 15.02 -4.49
CA LEU A 229 15.54 14.34 -5.80
C LEU A 229 16.29 15.09 -6.88
N ASN A 230 16.37 16.42 -6.77
CA ASN A 230 17.09 17.29 -7.75
C ASN A 230 18.59 17.08 -7.56
N LYS A 231 19.08 17.25 -6.33
CA LYS A 231 20.47 16.88 -5.95
C LYS A 231 20.76 15.49 -6.52
N MET A 232 19.80 14.57 -6.44
CA MET A 232 19.94 13.17 -6.92
C MET A 232 20.24 13.16 -8.42
N LEU A 233 19.48 13.89 -9.24
CA LEU A 233 19.42 13.70 -10.71
C LEU A 233 20.55 14.47 -11.43
N GLN A 234 21.33 15.28 -10.70
CA GLN A 234 22.46 16.08 -11.25
C GLN A 234 23.29 15.16 -12.15
N ASN A 235 23.36 15.45 -13.45
CA ASN A 235 24.21 14.71 -14.43
C ASN A 235 23.94 13.22 -14.29
N LEU A 236 22.81 12.72 -14.79
CA LEU A 236 22.43 11.30 -14.64
C LEU A 236 21.76 10.78 -15.90
N ASP A 237 21.65 11.60 -16.93
CA ASP A 237 21.13 11.23 -18.27
C ASP A 237 19.72 10.62 -18.14
N VAL A 238 18.89 11.15 -17.23
CA VAL A 238 17.41 10.88 -17.19
C VAL A 238 16.71 12.18 -17.56
N ILE A 239 15.43 12.11 -17.90
CA ILE A 239 14.67 13.22 -18.57
C ILE A 239 13.22 13.22 -18.09
N LYS A 240 12.78 14.25 -17.33
CA LYS A 240 11.35 14.46 -16.95
C LYS A 240 10.47 14.30 -18.20
N VAL A 241 9.37 13.57 -18.08
CA VAL A 241 8.26 13.65 -19.06
C VAL A 241 7.71 15.07 -18.96
N PRO A 242 7.36 15.74 -20.07
CA PRO A 242 6.79 17.08 -20.00
C PRO A 242 5.47 17.00 -19.23
N PHE A 243 5.30 17.89 -18.25
CA PHE A 243 4.04 18.09 -17.47
C PHE A 243 3.88 17.04 -16.38
N LEU A 244 4.57 15.90 -16.45
CA LEU A 244 4.36 14.84 -15.44
C LEU A 244 5.57 14.84 -14.50
N PRO A 245 5.36 14.56 -13.20
CA PRO A 245 6.45 14.56 -12.23
C PRO A 245 7.26 13.26 -12.26
N PHE A 246 7.23 12.54 -13.39
CA PHE A 246 7.97 11.27 -13.65
C PHE A 246 9.09 11.47 -14.68
N TYR A 247 10.21 10.77 -14.44
CA TYR A 247 11.42 10.74 -15.27
C TYR A 247 11.47 9.42 -16.06
N VAL A 248 12.21 9.39 -17.16
CA VAL A 248 12.49 8.15 -17.93
C VAL A 248 14.00 8.09 -18.16
N THR A 249 14.49 6.92 -18.55
CA THR A 249 15.94 6.63 -18.70
C THR A 249 16.15 5.29 -19.39
N LEU A 250 17.29 5.13 -20.08
CA LEU A 250 17.74 3.80 -20.56
C LEU A 250 17.68 2.86 -19.35
N CYS A 251 17.24 1.61 -19.53
CA CYS A 251 17.21 0.63 -18.43
C CYS A 251 18.65 0.43 -17.94
N ASN A 252 19.60 0.47 -18.88
CA ASN A 252 21.06 0.21 -18.70
C ASN A 252 21.80 1.38 -18.02
N ASN A 253 21.20 2.57 -17.95
CA ASN A 253 21.81 3.79 -17.36
C ASN A 253 22.61 3.42 -16.11
N SER A 254 23.94 3.39 -16.20
CA SER A 254 24.86 2.96 -15.12
C SER A 254 24.97 4.01 -13.99
N LYS A 255 24.38 5.19 -14.13
CA LYS A 255 24.54 6.31 -13.16
C LYS A 255 23.40 6.26 -12.13
N LEU A 256 22.40 5.41 -12.38
CA LEU A 256 21.20 5.25 -11.52
C LEU A 256 21.67 4.73 -10.17
N PRO A 257 21.42 5.48 -9.08
CA PRO A 257 22.06 5.24 -7.80
C PRO A 257 21.46 4.03 -7.07
N THR A 258 21.94 3.77 -5.85
CA THR A 258 21.36 2.80 -4.90
C THR A 258 21.00 3.55 -3.62
N PHE A 259 19.70 3.70 -3.35
CA PHE A 259 19.16 4.22 -2.08
C PHE A 259 19.74 3.40 -0.94
N GLU A 260 20.21 4.04 0.11
CA GLU A 260 20.65 3.36 1.36
C GLU A 260 20.03 4.09 2.55
N PHE A 261 19.45 3.30 3.46
CA PHE A 261 18.75 3.78 4.66
C PHE A 261 19.44 3.18 5.88
N THR A 262 19.83 4.03 6.83
CA THR A 262 20.47 3.65 8.13
C THR A 262 19.45 3.85 9.25
N SER A 263 19.51 3.02 10.29
CA SER A 263 19.02 3.32 11.65
C SER A 263 20.10 2.91 12.66
N GLU A 264 19.90 3.27 13.93
CA GLU A 264 20.65 2.73 15.10
C GLU A 264 20.63 1.20 15.01
N ASN A 265 19.48 0.64 14.65
CA ASN A 265 19.19 -0.82 14.64
C ASN A 265 19.77 -1.44 13.36
N GLY A 266 19.18 -1.14 12.19
CA GLY A 266 19.47 -1.81 10.91
C GLY A 266 19.77 -0.83 9.78
N LYS A 267 20.36 -1.35 8.69
CA LYS A 267 20.59 -0.61 7.43
C LYS A 267 19.99 -1.39 6.26
N TYR A 268 19.26 -0.68 5.40
CA TYR A 268 18.49 -1.18 4.23
C TYR A 268 18.90 -0.39 2.97
N THR A 269 18.72 -0.99 1.79
CA THR A 269 19.20 -0.43 0.50
C THR A 269 18.27 -0.83 -0.66
N LEU A 270 17.94 0.14 -1.51
CA LEU A 270 17.19 -0.06 -2.77
C LEU A 270 18.12 0.19 -3.97
N GLU A 271 18.14 -0.76 -4.90
CA GLU A 271 19.00 -0.75 -6.11
C GLU A 271 18.12 -0.59 -7.34
N PRO A 272 18.63 0.08 -8.40
CA PRO A 272 17.79 0.54 -9.51
C PRO A 272 16.75 -0.49 -9.94
N GLU A 273 17.15 -1.75 -10.10
CA GLU A 273 16.31 -2.80 -10.74
C GLU A 273 14.92 -2.80 -10.10
N TYR A 274 14.83 -2.40 -8.82
CA TYR A 274 13.57 -2.39 -8.04
C TYR A 274 12.76 -1.12 -8.35
N TYR A 275 13.40 0.01 -8.65
CA TYR A 275 12.65 1.27 -8.96
C TYR A 275 12.55 1.54 -10.48
N LEU A 276 13.27 0.81 -11.34
CA LEU A 276 13.15 0.96 -12.82
C LEU A 276 11.91 0.22 -13.34
N GLN A 277 11.20 0.84 -14.28
CA GLN A 277 9.89 0.36 -14.79
C GLN A 277 9.97 0.30 -16.31
N HIS A 278 10.21 -0.88 -16.86
CA HIS A 278 10.36 -1.07 -18.32
C HIS A 278 9.11 -0.52 -19.00
N ILE A 279 9.27 0.13 -20.16
CA ILE A 279 8.14 0.73 -20.96
C ILE A 279 8.49 0.67 -22.45
N GLU A 280 9.06 -0.47 -22.90
CA GLU A 280 9.26 -0.84 -24.32
C GLU A 280 8.16 -0.24 -25.19
N ASP A 281 6.92 -0.24 -24.66
CA ASP A 281 5.68 0.38 -25.23
C ASP A 281 6.01 1.73 -25.88
N VAL A 282 6.84 2.54 -25.21
CA VAL A 282 7.36 3.83 -25.75
C VAL A 282 8.50 3.52 -26.72
N GLY A 283 9.64 3.04 -26.19
CA GLY A 283 10.88 2.86 -26.95
C GLY A 283 11.78 1.77 -26.36
N PRO A 284 12.87 1.42 -27.07
CA PRO A 284 13.69 0.25 -26.74
C PRO A 284 14.58 0.48 -25.52
N GLY A 285 14.75 -0.54 -24.68
CA GLY A 285 15.51 -0.46 -23.42
C GLY A 285 15.23 0.84 -22.69
N LEU A 286 14.00 1.36 -22.87
CA LEU A 286 13.55 2.61 -22.23
C LEU A 286 12.75 2.22 -20.98
N CYS A 287 13.26 2.56 -19.79
CA CYS A 287 12.57 2.39 -18.48
C CYS A 287 12.03 3.75 -18.03
N MET A 288 10.88 3.78 -17.35
CA MET A 288 10.45 4.94 -16.52
C MET A 288 11.00 4.71 -15.11
N LEU A 289 11.55 5.73 -14.45
CA LEU A 289 11.86 5.67 -13.00
C LEU A 289 10.52 5.52 -12.27
N ASN A 290 10.52 4.83 -11.13
CA ASN A 290 9.34 4.64 -10.25
C ASN A 290 9.60 5.46 -8.98
N ILE A 291 10.00 6.73 -9.18
CA ILE A 291 10.32 7.74 -8.11
C ILE A 291 9.59 9.05 -8.40
N ILE A 292 8.93 9.59 -7.37
CA ILE A 292 8.22 10.89 -7.38
C ILE A 292 8.84 11.79 -6.31
N GLY A 293 8.99 13.08 -6.59
CA GLY A 293 9.38 14.09 -5.60
C GLY A 293 8.15 14.57 -4.87
N LEU A 294 8.18 14.62 -3.54
CA LEU A 294 7.01 15.01 -2.70
C LEU A 294 7.49 15.59 -1.36
N ASP A 295 7.19 16.88 -1.15
CA ASP A 295 7.60 17.67 0.05
C ASP A 295 6.44 17.71 1.04
N PHE A 296 6.58 16.99 2.16
CA PHE A 296 5.76 17.14 3.39
C PHE A 296 6.26 18.39 4.12
N PRO A 297 5.75 18.71 5.32
CA PRO A 297 6.34 19.76 6.15
C PRO A 297 7.66 19.30 6.79
N VAL A 298 7.74 18.03 7.19
CA VAL A 298 9.00 17.44 7.72
C VAL A 298 9.55 16.52 6.63
N PRO A 299 10.89 16.56 6.38
CA PRO A 299 11.52 15.71 5.35
C PRO A 299 11.12 14.23 5.44
N THR A 300 10.44 13.72 4.41
CA THR A 300 9.84 12.36 4.41
C THR A 300 9.98 11.65 3.05
N PHE A 301 10.25 10.34 3.12
CA PHE A 301 10.15 9.36 2.03
C PHE A 301 8.89 8.51 2.25
N ILE A 302 8.52 7.75 1.23
CA ILE A 302 7.40 6.76 1.28
C ILE A 302 7.94 5.47 0.66
N LEU A 303 8.26 4.47 1.47
CA LEU A 303 8.80 3.19 0.95
C LEU A 303 7.60 2.36 0.46
N GLY A 304 7.35 2.40 -0.85
CA GLY A 304 6.18 1.76 -1.46
C GLY A 304 6.57 0.50 -2.18
N ASP A 305 5.79 0.13 -3.20
CA ASP A 305 5.83 -1.20 -3.87
C ASP A 305 7.26 -1.58 -4.19
N PRO A 306 8.03 -0.75 -4.94
CA PRO A 306 9.41 -1.09 -5.23
C PRO A 306 10.18 -1.57 -3.99
N PHE A 307 10.14 -0.80 -2.89
CA PHE A 307 10.88 -1.07 -1.63
C PHE A 307 10.41 -2.37 -0.99
N MET A 308 9.10 -2.60 -0.99
CA MET A 308 8.44 -3.73 -0.29
C MET A 308 8.70 -5.01 -1.09
N ARG A 309 8.43 -4.98 -2.40
CA ARG A 309 8.74 -6.07 -3.36
C ARG A 309 10.19 -6.51 -3.21
N LYS A 310 11.04 -5.72 -2.56
CA LYS A 310 12.42 -6.10 -2.15
C LYS A 310 12.33 -6.82 -0.81
N TYR A 311 11.87 -6.12 0.22
CA TYR A 311 11.93 -6.58 1.63
C TYR A 311 10.58 -7.12 2.07
N PHE A 312 10.57 -8.40 2.44
CA PHE A 312 9.54 -8.93 3.37
C PHE A 312 9.48 -7.98 4.57
N THR A 313 8.25 -7.67 5.00
CA THR A 313 7.91 -6.47 5.79
C THR A 313 6.72 -6.82 6.70
N VAL A 314 6.83 -6.55 8.00
CA VAL A 314 5.84 -6.94 9.06
C VAL A 314 5.45 -5.71 9.89
N PHE A 315 4.15 -5.44 9.98
CA PHE A 315 3.53 -4.27 10.64
C PHE A 315 2.86 -4.73 11.94
N ASP A 316 3.56 -4.58 13.08
CA ASP A 316 3.08 -5.04 14.42
C ASP A 316 2.53 -3.85 15.21
N TYR A 317 1.20 -3.82 15.41
CA TYR A 317 0.48 -2.77 16.20
C TYR A 317 0.97 -2.83 17.65
N ASP A 318 1.03 -4.02 18.25
CA ASP A 318 1.30 -4.25 19.70
C ASP A 318 2.72 -3.77 20.06
N ASN A 319 3.69 -4.01 19.18
CA ASN A 319 5.12 -3.61 19.39
C ASN A 319 5.39 -2.25 18.71
N GLN A 320 4.34 -1.53 18.30
CA GLN A 320 4.41 -0.20 17.62
C GLN A 320 5.65 -0.16 16.74
N SER A 321 5.76 -1.11 15.81
CA SER A 321 6.96 -1.25 14.95
C SER A 321 6.62 -1.86 13.59
N VAL A 322 7.54 -1.64 12.66
CA VAL A 322 7.65 -2.34 11.35
C VAL A 322 8.92 -3.19 11.38
N GLY A 323 8.77 -4.51 11.23
CA GLY A 323 9.88 -5.45 11.01
C GLY A 323 10.17 -5.61 9.53
N ILE A 324 11.43 -5.72 9.15
CA ILE A 324 11.88 -5.72 7.73
C ILE A 324 12.96 -6.80 7.56
N ALA A 325 12.84 -7.66 6.55
CA ALA A 325 13.90 -8.59 6.11
C ALA A 325 13.69 -8.96 4.64
N LEU A 326 14.73 -9.54 4.02
CA LEU A 326 14.81 -9.72 2.54
C LEU A 326 13.99 -10.95 2.15
N ALA A 327 13.05 -10.76 1.22
CA ALA A 327 12.12 -11.78 0.71
C ALA A 327 12.90 -12.93 0.05
N LYS A 328 12.19 -13.93 -0.47
CA LYS A 328 12.79 -15.10 -1.17
C LYS A 328 12.55 -14.92 -2.67
N LYS A 329 13.25 -15.70 -3.50
CA LYS A 329 13.38 -15.53 -4.97
C LYS A 329 12.09 -15.97 -5.69
N ASN A 330 11.55 -17.16 -5.39
CA ASN A 330 10.47 -17.76 -6.23
C ASN A 330 9.81 -18.94 -5.50
N LEU A 331 8.88 -19.62 -6.18
CA LEU A 331 8.06 -20.74 -5.65
C LEU A 331 8.84 -22.07 -5.71
#